data_4MB9
#
_entry.id   4MB9
#
_cell.length_a   73.397
_cell.length_b   94.279
_cell.length_c   60.535
_cell.angle_alpha   90.00
_cell.angle_beta   90.00
_cell.angle_gamma   90.00
#
_symmetry.space_group_name_H-M   'C 2 2 21'
#
loop_
_entity.id
_entity.type
_entity.pdbx_description
1 polymer 'DNA topoisomerase IV, B subunit'
2 non-polymer 'SULFATE ION'
3 non-polymer 1-ethyl-3-{6-(pyrimidin-5-yl)-5-[(3R)-tetrahydrofuran-3-ylmethoxy][1,3]thiazolo[5,4-b]pyridin-2-yl}urea
4 water water
#
_entity_poly.entity_id   1
_entity_poly.type   'polypeptide(L)'
_entity_poly.pdbx_seq_one_letter_code
;MSKKEININNYNDDAIQVLEGLDAVRKRPGMYIGSTDGAGLHHLVWEIVDNAVDEALSGFGDRIDVTINKDGSLTVQDHG
RGMPTGMHAMGIPTVEVIFTILHAGGKFGQGGYKTSGGLHGVGSSVVNALSSWLEVEITRDGAVYKQRFENGGKPVTTLK
KIGTALKSKTGTKVTFMPDATIFSTTDFKYNTISERLNESAFLLKNVTLSLTDKRTDEAIEFHYEN
;
_entity_poly.pdbx_strand_id   A
#
# COMPACT_ATOMS: atom_id res chain seq x y z
N GLN A 17 0.24 -21.52 12.93
CA GLN A 17 -0.19 -20.43 11.99
C GLN A 17 -0.88 -21.06 10.79
N VAL A 18 -2.21 -20.92 10.71
CA VAL A 18 -2.98 -21.32 9.55
C VAL A 18 -2.94 -20.15 8.56
N LEU A 19 -2.52 -20.44 7.33
CA LEU A 19 -2.51 -19.46 6.25
C LEU A 19 -3.85 -19.54 5.51
N GLU A 20 -4.28 -18.41 4.97
CA GLU A 20 -5.54 -18.31 4.24
C GLU A 20 -5.36 -17.53 2.97
N GLY A 21 -6.30 -17.77 2.05
CA GLY A 21 -6.41 -16.99 0.82
C GLY A 21 -7.25 -15.72 1.04
N LEU A 22 -7.28 -14.89 0.00
CA LEU A 22 -7.95 -13.59 0.04
C LEU A 22 -9.49 -13.68 0.14
N ASP A 23 -10.08 -14.79 -0.29
CA ASP A 23 -11.52 -15.09 -0.05
C ASP A 23 -11.91 -14.98 1.43
N ALA A 24 -11.03 -15.42 2.34
CA ALA A 24 -11.29 -15.34 3.79
C ALA A 24 -11.53 -13.89 4.27
N VAL A 25 -10.70 -12.96 3.77
CA VAL A 25 -10.85 -11.55 4.11
C VAL A 25 -12.15 -10.98 3.54
N ARG A 26 -12.47 -11.33 2.31
CA ARG A 26 -13.66 -10.80 1.61
C ARG A 26 -14.96 -11.30 2.28
N LYS A 27 -14.91 -12.48 2.88
CA LYS A 27 -16.09 -13.03 3.55
C LYS A 27 -16.28 -12.49 4.98
N ARG A 28 -15.20 -12.01 5.58
CA ARG A 28 -15.23 -11.49 6.95
C ARG A 28 -14.32 -10.25 7.06
N PRO A 29 -14.64 -9.19 6.28
CA PRO A 29 -13.73 -8.01 6.30
C PRO A 29 -13.60 -7.38 7.70
N GLY A 30 -14.70 -7.36 8.46
CA GLY A 30 -14.72 -6.77 9.80
C GLY A 30 -13.64 -7.34 10.73
N MET A 31 -13.30 -8.61 10.52
CA MET A 31 -12.28 -9.31 11.31
C MET A 31 -10.87 -8.72 11.09
N TYR A 32 -10.64 -8.14 9.91
CA TYR A 32 -9.31 -7.64 9.53
C TYR A 32 -9.23 -6.11 9.54
N ILE A 33 -10.33 -5.40 9.28
CA ILE A 33 -10.30 -3.93 9.20
C ILE A 33 -11.33 -3.24 10.07
N GLY A 34 -12.08 -4.05 10.83
CA GLY A 34 -12.96 -3.56 11.91
C GLY A 34 -14.39 -3.31 11.46
N SER A 35 -14.53 -2.80 10.23
CA SER A 35 -15.82 -2.37 9.71
C SER A 35 -15.69 -2.19 8.20
N THR A 36 -16.82 -2.00 7.53
CA THR A 36 -16.86 -1.76 6.08
C THR A 36 -17.46 -0.37 5.78
N ASP A 37 -17.46 0.51 6.78
CA ASP A 37 -17.83 1.92 6.64
C ASP A 37 -16.55 2.71 6.37
N GLY A 38 -16.61 4.04 6.57
CA GLY A 38 -15.47 4.91 6.38
C GLY A 38 -14.27 4.59 7.26
N ALA A 39 -14.51 4.06 8.47
CA ALA A 39 -13.41 3.70 9.37
C ALA A 39 -12.60 2.57 8.75
N GLY A 40 -13.33 1.59 8.19
CA GLY A 40 -12.70 0.45 7.56
C GLY A 40 -12.02 0.81 6.27
N LEU A 41 -12.68 1.66 5.47
CA LEU A 41 -12.11 2.16 4.20
C LEU A 41 -10.72 2.79 4.47
N HIS A 42 -10.66 3.59 5.52
CA HIS A 42 -9.46 4.34 5.84
C HIS A 42 -8.40 3.44 6.46
N HIS A 43 -8.81 2.36 7.14
N HIS A 43 -8.82 2.37 7.14
CA HIS A 43 -7.88 1.36 7.63
CA HIS A 43 -7.86 1.37 7.63
C HIS A 43 -7.02 0.77 6.50
C HIS A 43 -7.02 0.76 6.50
N LEU A 44 -7.58 0.69 5.28
CA LEU A 44 -6.80 0.24 4.10
C LEU A 44 -5.60 1.18 3.81
N VAL A 45 -5.86 2.49 3.91
CA VAL A 45 -4.82 3.53 3.79
C VAL A 45 -3.77 3.34 4.89
N TRP A 46 -4.24 3.18 6.14
CA TRP A 46 -3.33 3.02 7.30
C TRP A 46 -2.37 1.83 7.10
N GLU A 47 -2.88 0.69 6.59
CA GLU A 47 -2.07 -0.51 6.37
C GLU A 47 -0.91 -0.25 5.40
N ILE A 48 -1.21 0.33 4.25
CA ILE A 48 -0.18 0.65 3.27
C ILE A 48 0.76 1.76 3.75
N VAL A 49 0.20 2.84 4.30
CA VAL A 49 1.05 3.91 4.90
C VAL A 49 1.99 3.34 5.97
N ASP A 50 1.45 2.53 6.87
N ASP A 50 1.46 2.49 6.84
CA ASP A 50 2.24 1.94 7.98
CA ASP A 50 2.28 1.96 7.93
C ASP A 50 3.43 1.11 7.44
C ASP A 50 3.44 1.10 7.43
N ASN A 51 3.27 0.44 6.29
CA ASN A 51 4.38 -0.32 5.70
C ASN A 51 5.51 0.63 5.21
N ALA A 52 5.15 1.75 4.59
CA ALA A 52 6.10 2.78 4.20
C ALA A 52 6.78 3.39 5.42
N VAL A 53 5.98 3.65 6.47
CA VAL A 53 6.50 4.24 7.71
C VAL A 53 7.51 3.27 8.39
N ASP A 54 7.18 1.98 8.48
CA ASP A 54 8.10 0.98 9.03
C ASP A 54 9.44 0.94 8.30
N GLU A 55 9.37 1.01 6.97
CA GLU A 55 10.57 1.07 6.16
C GLU A 55 11.46 2.32 6.46
N ALA A 56 10.83 3.50 6.59
CA ALA A 56 11.52 4.77 6.92
C ALA A 56 12.06 4.71 8.33
N LEU A 57 11.30 4.08 9.23
CA LEU A 57 11.72 3.90 10.62
C LEU A 57 13.04 3.12 10.72
N SER A 58 13.18 2.15 9.83
CA SER A 58 14.38 1.30 9.77
C SER A 58 15.56 2.01 9.08
N GLY A 59 15.33 3.26 8.66
CA GLY A 59 16.34 4.07 8.02
C GLY A 59 16.31 4.17 6.50
N PHE A 60 15.27 3.64 5.86
CA PHE A 60 15.22 3.57 4.40
C PHE A 60 14.12 4.46 3.84
N GLY A 61 14.52 5.60 3.30
CA GLY A 61 13.57 6.56 2.72
C GLY A 61 13.30 7.76 3.63
N ASP A 62 13.28 8.95 3.06
CA ASP A 62 13.04 10.17 3.85
C ASP A 62 11.79 10.90 3.36
N ARG A 63 11.04 10.26 2.46
CA ARG A 63 9.74 10.81 2.07
C ARG A 63 8.72 9.76 1.68
N ILE A 64 7.49 10.02 2.09
CA ILE A 64 6.37 9.14 1.79
C ILE A 64 5.25 10.00 1.21
N ASP A 65 4.95 9.77 -0.06
CA ASP A 65 3.94 10.54 -0.81
C ASP A 65 2.62 9.81 -0.99
N VAL A 66 1.53 10.45 -0.54
CA VAL A 66 0.17 9.93 -0.64
C VAL A 66 -0.69 10.81 -1.60
N THR A 67 -1.39 10.15 -2.52
CA THR A 67 -2.17 10.84 -3.56
C THR A 67 -3.52 10.20 -3.63
N ILE A 68 -4.58 11.01 -3.48
CA ILE A 68 -5.93 10.54 -3.72
C ILE A 68 -6.20 10.88 -5.18
N ASN A 69 -6.33 9.83 -6.00
CA ASN A 69 -6.41 10.02 -7.46
C ASN A 69 -7.84 10.40 -7.88
N LYS A 70 -7.94 10.99 -9.07
CA LYS A 70 -9.25 11.45 -9.57
C LYS A 70 -10.26 10.31 -9.75
N ASP A 71 -9.76 9.13 -10.12
CA ASP A 71 -10.64 7.95 -10.27
C ASP A 71 -11.10 7.32 -8.97
N GLY A 72 -10.68 7.89 -7.83
CA GLY A 72 -11.02 7.34 -6.50
C GLY A 72 -10.00 6.38 -5.89
N SER A 73 -8.98 6.03 -6.66
CA SER A 73 -7.93 5.15 -6.13
C SER A 73 -6.98 5.99 -5.27
N LEU A 74 -6.10 5.30 -4.55
CA LEU A 74 -5.21 5.94 -3.61
C LEU A 74 -3.82 5.37 -3.83
N THR A 75 -2.81 6.25 -3.92
CA THR A 75 -1.43 5.83 -4.10
C THR A 75 -0.59 6.19 -2.88
N VAL A 76 0.29 5.28 -2.47
CA VAL A 76 1.29 5.57 -1.44
C VAL A 76 2.62 5.19 -2.06
N GLN A 77 3.59 6.11 -2.03
CA GLN A 77 4.93 5.85 -2.55
C GLN A 77 6.00 6.10 -1.50
N ASP A 78 6.92 5.16 -1.37
CA ASP A 78 8.06 5.36 -0.49
C ASP A 78 9.36 5.31 -1.32
N HIS A 79 10.44 5.75 -0.69
CA HIS A 79 11.79 5.69 -1.27
C HIS A 79 12.72 4.80 -0.44
N GLY A 80 12.14 3.73 0.11
CA GLY A 80 12.85 2.73 0.88
C GLY A 80 13.53 1.75 -0.08
N ARG A 81 13.82 0.55 0.42
CA ARG A 81 14.67 -0.38 -0.33
C ARG A 81 14.00 -0.98 -1.59
N GLY A 82 12.66 -0.99 -1.62
CA GLY A 82 11.88 -1.74 -2.59
C GLY A 82 11.62 -3.13 -2.04
N MET A 83 10.36 -3.57 -2.10
CA MET A 83 10.08 -4.98 -1.74
C MET A 83 10.98 -5.91 -2.55
N PRO A 84 11.37 -7.06 -1.95
CA PRO A 84 12.20 -8.01 -2.70
C PRO A 84 11.57 -8.42 -4.05
N THR A 85 12.39 -8.47 -5.07
CA THR A 85 11.94 -8.66 -6.45
C THR A 85 12.18 -10.08 -6.95
N GLY A 86 12.67 -10.97 -6.07
CA GLY A 86 12.97 -12.36 -6.44
C GLY A 86 11.78 -13.29 -6.33
N MET A 87 12.08 -14.59 -6.38
N MET A 87 12.05 -14.59 -6.38
CA MET A 87 11.07 -15.66 -6.34
CA MET A 87 10.98 -15.58 -6.33
C MET A 87 10.92 -16.28 -4.93
C MET A 87 10.99 -16.35 -5.02
N HIS A 88 9.69 -16.70 -4.62
N HIS A 88 9.78 -16.66 -4.56
CA HIS A 88 9.38 -17.61 -3.53
CA HIS A 88 9.53 -17.64 -3.53
C HIS A 88 9.49 -19.01 -4.15
C HIS A 88 9.40 -18.98 -4.26
N ALA A 89 8.62 -19.93 -3.75
CA ALA A 89 8.52 -21.25 -4.34
C ALA A 89 7.78 -21.24 -5.70
N MET A 90 8.07 -22.24 -6.55
CA MET A 90 7.30 -22.54 -7.76
C MET A 90 7.27 -21.39 -8.77
N GLY A 91 8.29 -20.54 -8.72
CA GLY A 91 8.37 -19.38 -9.59
C GLY A 91 7.39 -18.26 -9.25
N ILE A 92 6.88 -18.23 -8.02
CA ILE A 92 5.93 -17.21 -7.61
C ILE A 92 6.78 -16.11 -7.01
N PRO A 93 6.62 -14.86 -7.51
CA PRO A 93 7.33 -13.71 -6.91
C PRO A 93 7.03 -13.55 -5.41
N THR A 94 8.06 -13.20 -4.65
CA THR A 94 7.91 -12.85 -3.23
C THR A 94 6.83 -11.81 -3.03
N VAL A 95 6.78 -10.85 -3.97
CA VAL A 95 5.76 -9.78 -3.97
C VAL A 95 4.35 -10.36 -4.07
N GLU A 96 4.18 -11.35 -4.94
CA GLU A 96 2.88 -11.99 -5.10
C GLU A 96 2.46 -12.74 -3.82
N VAL A 97 3.41 -13.43 -3.18
CA VAL A 97 3.16 -14.08 -1.89
C VAL A 97 2.71 -13.07 -0.79
N ILE A 98 3.39 -11.92 -0.71
CA ILE A 98 3.07 -10.82 0.24
C ILE A 98 1.61 -10.33 0.04
N PHE A 99 1.22 -10.19 -1.23
CA PHE A 99 -0.06 -9.60 -1.59
C PHE A 99 -1.23 -10.59 -1.69
N THR A 100 -0.97 -11.89 -1.65
CA THR A 100 -2.03 -12.89 -1.87
C THR A 100 -2.20 -13.99 -0.81
N ILE A 101 -1.31 -14.07 0.18
CA ILE A 101 -1.43 -15.02 1.29
C ILE A 101 -1.55 -14.21 2.59
N LEU A 102 -2.54 -14.61 3.38
CA LEU A 102 -2.96 -13.93 4.59
C LEU A 102 -2.34 -14.77 5.73
N HIS A 103 -1.47 -14.14 6.51
CA HIS A 103 -0.72 -14.84 7.55
C HIS A 103 -1.50 -14.82 8.89
N ALA A 104 -2.80 -14.49 8.80
CA ALA A 104 -3.77 -14.71 9.88
C ALA A 104 -4.27 -16.14 9.83
N GLY A 117 11.06 -3.06 6.77
CA GLY A 117 9.97 -2.48 5.99
C GLY A 117 8.66 -3.22 6.07
N GLY A 118 8.73 -4.54 6.28
CA GLY A 118 7.57 -5.45 6.26
C GLY A 118 6.20 -4.79 6.52
N LEU A 119 5.20 -4.97 5.63
CA LEU A 119 5.13 -5.92 4.50
C LEU A 119 3.74 -6.58 4.56
N HIS A 120 3.59 -7.40 5.61
CA HIS A 120 2.51 -8.39 5.74
C HIS A 120 2.19 -8.64 7.23
N GLY A 121 1.66 -9.82 7.57
CA GLY A 121 1.08 -10.13 8.91
C GLY A 121 0.22 -8.99 9.47
N VAL A 122 -0.68 -8.40 8.65
CA VAL A 122 -1.23 -9.01 7.42
C VAL A 122 -1.56 -7.99 6.29
N GLY A 123 -0.97 -6.78 6.36
CA GLY A 123 -1.52 -5.60 5.69
C GLY A 123 -1.70 -5.56 4.18
N SER A 124 -0.64 -5.88 3.43
CA SER A 124 -0.70 -5.76 1.97
C SER A 124 -1.79 -6.65 1.35
N SER A 125 -1.87 -7.88 1.86
CA SER A 125 -2.82 -8.89 1.34
C SER A 125 -4.26 -8.51 1.67
N VAL A 126 -4.48 -7.95 2.87
CA VAL A 126 -5.85 -7.51 3.29
C VAL A 126 -6.37 -6.38 2.36
N VAL A 127 -5.51 -5.39 2.11
CA VAL A 127 -5.86 -4.31 1.19
C VAL A 127 -6.14 -4.85 -0.23
N ASN A 128 -5.26 -5.73 -0.72
CA ASN A 128 -5.47 -6.37 -2.02
C ASN A 128 -6.82 -7.13 -2.11
N ALA A 129 -7.13 -7.90 -1.07
CA ALA A 129 -8.40 -8.65 -0.96
C ALA A 129 -9.62 -7.77 -1.05
N LEU A 130 -9.50 -6.56 -0.52
CA LEU A 130 -10.64 -5.63 -0.41
C LEU A 130 -10.63 -4.53 -1.48
N SER A 131 -9.82 -4.72 -2.53
CA SER A 131 -9.69 -3.77 -3.63
C SER A 131 -10.19 -4.42 -4.95
N SER A 132 -10.91 -3.65 -5.78
CA SER A 132 -11.27 -4.15 -7.12
C SER A 132 -10.07 -4.16 -8.09
N TRP A 133 -9.05 -3.37 -7.78
CA TRP A 133 -7.73 -3.55 -8.39
C TRP A 133 -6.62 -2.97 -7.53
N LEU A 134 -5.43 -3.52 -7.72
CA LEU A 134 -4.23 -3.06 -7.01
C LEU A 134 -3.00 -3.19 -7.92
N GLU A 135 -2.15 -2.16 -7.93
CA GLU A 135 -0.85 -2.17 -8.60
C GLU A 135 0.28 -1.91 -7.62
N VAL A 136 1.32 -2.73 -7.67
CA VAL A 136 2.53 -2.46 -6.89
C VAL A 136 3.68 -2.25 -7.86
N GLU A 137 4.44 -1.20 -7.64
CA GLU A 137 5.59 -0.87 -8.48
C GLU A 137 6.81 -0.80 -7.58
N ILE A 138 7.85 -1.56 -7.94
CA ILE A 138 9.09 -1.61 -7.17
C ILE A 138 10.25 -1.15 -8.00
N THR A 139 11.06 -0.28 -7.41
CA THR A 139 12.29 0.21 -8.05
C THR A 139 13.46 -0.19 -7.17
N ARG A 140 14.38 -0.93 -7.76
CA ARG A 140 15.67 -1.20 -7.12
C ARG A 140 16.60 -1.86 -8.10
N ASP A 141 17.90 -1.68 -7.84
CA ASP A 141 18.98 -2.40 -8.50
C ASP A 141 19.01 -2.02 -9.97
N GLY A 142 18.53 -0.80 -10.29
CA GLY A 142 18.52 -0.30 -11.67
C GLY A 142 17.33 -0.74 -12.53
N ALA A 143 16.34 -1.38 -11.90
CA ALA A 143 15.19 -1.94 -12.60
C ALA A 143 13.87 -1.46 -11.97
N VAL A 144 12.81 -1.45 -12.78
CA VAL A 144 11.48 -1.08 -12.30
C VAL A 144 10.55 -2.24 -12.62
N TYR A 145 9.86 -2.73 -11.59
CA TYR A 145 8.98 -3.90 -11.73
C TYR A 145 7.56 -3.52 -11.37
N LYS A 146 6.59 -4.20 -11.98
CA LYS A 146 5.19 -3.97 -11.66
C LYS A 146 4.40 -5.29 -11.68
N GLN A 147 3.48 -5.40 -10.71
CA GLN A 147 2.46 -6.45 -10.71
C GLN A 147 1.08 -5.84 -10.49
N ARG A 148 0.09 -6.32 -11.23
CA ARG A 148 -1.28 -5.87 -11.10
C ARG A 148 -2.20 -7.01 -10.70
N PHE A 149 -3.09 -6.69 -9.78
CA PHE A 149 -4.14 -7.60 -9.31
C PHE A 149 -5.51 -6.99 -9.57
N GLU A 150 -6.50 -7.86 -9.76
CA GLU A 150 -7.87 -7.42 -9.98
C GLU A 150 -8.87 -8.27 -9.22
N ASN A 151 -10.04 -7.69 -8.95
N ASN A 151 -10.01 -7.65 -8.93
CA ASN A 151 -11.20 -8.44 -8.46
CA ASN A 151 -11.22 -8.31 -8.42
C ASN A 151 -10.95 -9.16 -7.12
C ASN A 151 -10.96 -9.12 -7.15
N GLY A 152 -10.46 -8.42 -6.13
CA GLY A 152 -10.17 -8.97 -4.84
C GLY A 152 -8.84 -9.68 -4.78
N GLY A 153 -7.86 -9.20 -5.56
CA GLY A 153 -6.46 -9.63 -5.39
C GLY A 153 -5.97 -10.82 -6.17
N LYS A 154 -6.64 -11.10 -7.29
CA LYS A 154 -6.19 -12.10 -8.26
C LYS A 154 -5.15 -11.47 -9.21
N PRO A 155 -3.95 -12.07 -9.29
CA PRO A 155 -2.92 -11.49 -10.17
C PRO A 155 -3.32 -11.62 -11.63
N VAL A 156 -3.27 -10.51 -12.36
CA VAL A 156 -3.52 -10.52 -13.81
C VAL A 156 -2.21 -10.34 -14.62
N THR A 157 -1.11 -10.12 -13.90
CA THR A 157 0.23 -10.16 -14.47
C THR A 157 1.12 -10.82 -13.41
N THR A 158 2.32 -11.22 -13.82
CA THR A 158 3.35 -11.62 -12.88
C THR A 158 4.07 -10.32 -12.43
N LEU A 159 5.16 -10.45 -11.65
CA LEU A 159 6.04 -9.33 -11.38
C LEU A 159 6.95 -9.11 -12.62
N LYS A 160 6.59 -8.10 -13.41
CA LYS A 160 7.17 -7.81 -14.72
C LYS A 160 8.16 -6.68 -14.60
N LYS A 161 9.34 -6.85 -15.19
CA LYS A 161 10.27 -5.73 -15.36
C LYS A 161 9.69 -4.83 -16.47
N ILE A 162 9.36 -3.59 -16.10
CA ILE A 162 8.72 -2.62 -17.01
C ILE A 162 9.71 -1.52 -17.46
N GLY A 163 10.83 -1.37 -16.76
CA GLY A 163 11.78 -0.35 -17.14
C GLY A 163 13.03 -0.34 -16.29
N THR A 164 13.76 0.77 -16.39
CA THR A 164 15.04 0.96 -15.72
C THR A 164 15.08 2.30 -14.96
N ALA A 165 16.01 2.41 -14.04
CA ALA A 165 16.18 3.61 -13.23
C ALA A 165 17.64 3.66 -12.84
N LEU A 166 18.06 4.80 -12.33
CA LEU A 166 19.44 4.90 -11.83
C LEU A 166 19.54 3.89 -10.66
N LYS A 167 20.75 3.38 -10.40
CA LYS A 167 20.98 2.43 -9.28
C LYS A 167 20.70 3.06 -7.92
N SER A 168 20.83 4.38 -7.84
CA SER A 168 20.53 5.11 -6.61
C SER A 168 19.03 5.18 -6.26
N LYS A 169 18.17 4.82 -7.22
CA LYS A 169 16.74 4.94 -7.07
C LYS A 169 16.12 3.66 -6.50
N THR A 170 15.41 3.81 -5.39
CA THR A 170 14.80 2.67 -4.73
C THR A 170 13.46 3.08 -4.18
N GLY A 171 12.57 2.10 -4.06
CA GLY A 171 11.27 2.33 -3.40
C GLY A 171 10.14 1.39 -3.80
N THR A 172 9.03 1.54 -3.09
CA THR A 172 7.78 0.79 -3.28
C THR A 172 6.65 1.79 -3.45
N LYS A 173 5.85 1.55 -4.48
CA LYS A 173 4.63 2.31 -4.77
C LYS A 173 3.45 1.35 -4.84
N VAL A 174 2.35 1.67 -4.16
CA VAL A 174 1.13 0.84 -4.13
C VAL A 174 -0.06 1.76 -4.42
N THR A 175 -0.84 1.37 -5.42
CA THR A 175 -2.03 2.10 -5.80
C THR A 175 -3.17 1.09 -5.74
N PHE A 176 -4.28 1.45 -5.10
CA PHE A 176 -5.38 0.51 -4.98
C PHE A 176 -6.73 1.21 -5.10
N MET A 177 -7.69 0.48 -5.64
CA MET A 177 -9.06 0.95 -5.80
C MET A 177 -9.88 0.13 -4.86
N PRO A 178 -10.41 0.74 -3.77
CA PRO A 178 -11.22 -0.05 -2.83
C PRO A 178 -12.49 -0.61 -3.47
N ASP A 179 -12.87 -1.82 -3.04
CA ASP A 179 -13.96 -2.56 -3.67
C ASP A 179 -15.33 -1.99 -3.27
N ALA A 180 -15.99 -1.32 -4.23
CA ALA A 180 -17.32 -0.73 -4.02
C ALA A 180 -18.40 -1.76 -3.67
N THR A 181 -18.18 -3.03 -3.97
CA THR A 181 -19.10 -4.08 -3.53
C THR A 181 -18.91 -4.48 -2.04
N ILE A 182 -17.82 -4.02 -1.39
CA ILE A 182 -17.57 -4.33 0.03
C ILE A 182 -17.93 -3.11 0.90
N PHE A 183 -17.39 -1.95 0.56
CA PHE A 183 -17.51 -0.77 1.42
C PHE A 183 -18.78 -0.01 1.16
N SER A 184 -19.42 0.47 2.23
CA SER A 184 -20.60 1.35 2.11
C SER A 184 -20.25 2.74 1.57
N THR A 185 -19.00 3.15 1.78
CA THR A 185 -18.44 4.36 1.19
C THR A 185 -17.04 4.03 0.63
N THR A 186 -16.77 4.52 -0.59
CA THR A 186 -15.44 4.43 -1.20
C THR A 186 -14.78 5.83 -1.35
N ASP A 187 -15.31 6.83 -0.64
N ASP A 187 -15.32 6.84 -0.66
CA ASP A 187 -14.79 8.21 -0.69
CA ASP A 187 -14.76 8.19 -0.75
C ASP A 187 -13.73 8.44 0.38
C ASP A 187 -13.73 8.44 0.36
N PHE A 188 -12.47 8.56 -0.04
CA PHE A 188 -11.40 8.91 0.90
C PHE A 188 -11.60 10.34 1.37
N LYS A 189 -11.35 10.57 2.66
CA LYS A 189 -11.52 11.89 3.26
C LYS A 189 -10.15 12.52 3.48
N TYR A 190 -9.88 13.57 2.71
CA TYR A 190 -8.63 14.33 2.81
C TYR A 190 -8.28 14.72 4.25
N ASN A 191 -9.23 15.28 4.99
CA ASN A 191 -8.91 15.75 6.35
C ASN A 191 -8.54 14.60 7.30
N THR A 192 -9.20 13.44 7.11
CA THR A 192 -8.92 12.24 7.92
C THR A 192 -7.51 11.74 7.63
N ILE A 193 -7.17 11.70 6.34
CA ILE A 193 -5.84 11.23 5.91
C ILE A 193 -4.73 12.22 6.35
N SER A 194 -4.99 13.50 6.15
CA SER A 194 -4.06 14.55 6.51
C SER A 194 -3.65 14.44 8.00
N GLU A 195 -4.65 14.29 8.89
CA GLU A 195 -4.40 14.14 10.34
C GLU A 195 -3.54 12.93 10.68
N ARG A 196 -3.85 11.78 10.09
N ARG A 196 -3.86 11.77 10.10
CA ARG A 196 -3.09 10.57 10.32
CA ARG A 196 -3.07 10.55 10.31
C ARG A 196 -1.64 10.71 9.86
C ARG A 196 -1.63 10.72 9.86
N LEU A 197 -1.42 11.31 8.69
CA LEU A 197 -0.05 11.50 8.16
C LEU A 197 0.77 12.53 8.94
N ASN A 198 0.10 13.59 9.41
CA ASN A 198 0.69 14.57 10.32
C ASN A 198 1.23 13.86 11.59
N GLU A 199 0.35 13.06 12.21
CA GLU A 199 0.70 12.22 13.38
C GLU A 199 1.87 11.31 13.09
N SER A 200 1.83 10.57 11.97
CA SER A 200 2.92 9.69 11.55
C SER A 200 4.24 10.43 11.33
N ALA A 201 4.19 11.60 10.69
CA ALA A 201 5.39 12.47 10.55
C ALA A 201 5.99 12.85 11.92
N PHE A 202 5.13 13.20 12.88
CA PHE A 202 5.56 13.60 14.21
C PHE A 202 6.22 12.45 14.99
N LEU A 203 5.64 11.24 14.88
CA LEU A 203 6.20 10.04 15.51
C LEU A 203 7.54 9.62 14.87
N LEU A 204 7.62 9.71 13.54
CA LEU A 204 8.76 9.20 12.78
C LEU A 204 10.00 10.12 12.92
N LYS A 205 9.79 11.42 12.72
CA LYS A 205 10.85 12.45 12.71
C LYS A 205 11.68 12.36 11.42
N ASN A 206 12.06 13.52 10.89
CA ASN A 206 13.03 13.63 9.78
C ASN A 206 12.60 12.94 8.49
N VAL A 207 11.28 12.77 8.33
CA VAL A 207 10.68 12.15 7.14
C VAL A 207 9.53 13.06 6.70
N THR A 208 9.51 13.41 5.41
CA THR A 208 8.40 14.22 4.88
C THR A 208 7.25 13.29 4.50
N LEU A 209 6.06 13.61 5.01
CA LEU A 209 4.82 12.92 4.59
C LEU A 209 3.98 13.94 3.81
N SER A 210 3.55 13.57 2.61
CA SER A 210 2.75 14.47 1.78
C SER A 210 1.41 13.85 1.42
N LEU A 211 0.42 14.75 1.27
CA LEU A 211 -0.89 14.38 0.78
C LEU A 211 -1.30 15.34 -0.33
N THR A 212 -1.74 14.76 -1.46
CA THR A 212 -2.24 15.50 -2.62
C THR A 212 -3.58 14.88 -3.01
N ASP A 213 -4.63 15.71 -3.12
CA ASP A 213 -5.96 15.28 -3.51
C ASP A 213 -6.16 15.74 -4.97
N LYS A 214 -6.08 14.83 -5.93
CA LYS A 214 -6.27 15.19 -7.35
C LYS A 214 -7.75 15.51 -7.68
N ARG A 215 -8.69 15.17 -6.79
CA ARG A 215 -10.12 15.46 -7.02
C ARG A 215 -10.42 16.94 -6.80
N THR A 216 -9.74 17.52 -5.81
CA THR A 216 -9.95 18.90 -5.41
C THR A 216 -8.69 19.78 -5.57
N ASP A 217 -7.54 19.20 -5.91
CA ASP A 217 -6.22 19.89 -6.01
C ASP A 217 -5.49 20.23 -4.67
N GLU A 218 -6.13 19.93 -3.54
CA GLU A 218 -5.57 20.21 -2.22
C GLU A 218 -4.26 19.45 -2.02
N ALA A 219 -3.33 20.06 -1.30
CA ALA A 219 -2.05 19.44 -0.99
C ALA A 219 -1.46 20.03 0.28
N ILE A 220 -0.70 19.20 0.99
CA ILE A 220 -0.07 19.57 2.25
C ILE A 220 1.12 18.64 2.44
N GLU A 221 2.14 19.12 3.17
CA GLU A 221 3.29 18.34 3.56
C GLU A 221 3.56 18.53 5.05
N PHE A 222 4.05 17.43 5.65
CA PHE A 222 4.44 17.42 7.07
C PHE A 222 5.88 16.90 7.21
N HIS A 223 6.65 17.53 8.09
CA HIS A 223 8.05 17.13 8.37
C HIS A 223 8.39 17.70 9.75
N TYR A 224 8.80 16.85 10.68
CA TYR A 224 9.24 17.28 12.01
C TYR A 224 10.71 16.96 12.21
N GLU A 225 11.54 18.01 12.24
CA GLU A 225 12.99 17.90 12.51
C GLU A 225 13.25 17.61 13.98
N ASN A 226 14.31 16.84 14.24
CA ASN A 226 14.57 16.32 15.58
C ASN A 226 16.02 16.51 16.00
#